data_7YBF
#
_entry.id   7YBF
#
_cell.length_a   42.804
_cell.length_b   61.981
_cell.length_c   76.016
_cell.angle_alpha   90.000
_cell.angle_beta   101.890
_cell.angle_gamma   90.000
#
_symmetry.space_group_name_H-M   'P 1 21 1'
#
loop_
_entity.id
_entity.type
_entity.pdbx_description
1 polymer 'Histone H2B-alpha,Histone H2A-beta'
2 polymer 'Spindle pole body-associated protein sad1'
3 water water
#
loop_
_entity_poly.entity_id
_entity_poly.type
_entity_poly.pdbx_seq_one_letter_code
_entity_poly.pdbx_strand_id
1 'polypeptide(L)'
;NRKETYSSYIYKVLKQVHPDTGISNQAMRILNSFVNDIFERIATEASKLAAYNKKSTISSREIQTAVRLILPGELAKHAV
TEGTKSVTKYSSSAQSAQSRSAKAGLAFPVGRVHRLLRKGNYAQRVGAGAPVYLAAVLEYLAAEILELAGNAARDNKKTR
IIPRHLQLAIRNDEELNKLLGHVTIAQGG
;
A,B
2 'polypeptide(L)' ESDGDDEEFVNEEYENS C
#
# COMPACT_ATOMS: atom_id res chain seq x y z
N LYS A 3 5.45 -12.97 -15.50
CA LYS A 3 4.79 -14.21 -15.88
C LYS A 3 5.75 -15.40 -15.77
N GLU A 4 6.49 -15.43 -14.66
CA GLU A 4 7.46 -16.48 -14.37
C GLU A 4 6.70 -17.70 -13.88
N THR A 5 7.30 -18.88 -14.09
CA THR A 5 6.72 -20.15 -13.65
C THR A 5 7.42 -20.63 -12.40
N TYR A 6 6.64 -20.77 -11.33
CA TYR A 6 7.10 -21.28 -10.04
C TYR A 6 6.62 -22.71 -9.82
N SER A 7 6.11 -23.35 -10.88
CA SER A 7 5.35 -24.60 -10.73
C SER A 7 6.17 -25.72 -10.11
N SER A 8 7.43 -25.87 -10.52
CA SER A 8 8.25 -26.91 -9.91
C SER A 8 8.44 -26.65 -8.41
N TYR A 9 8.64 -25.38 -8.02
CA TYR A 9 8.78 -25.05 -6.61
C TYR A 9 7.46 -25.23 -5.87
N ILE A 10 6.35 -24.82 -6.49
CA ILE A 10 5.03 -25.06 -5.91
C ILE A 10 4.83 -26.54 -5.68
N TYR A 11 5.18 -27.38 -6.68
CA TYR A 11 5.02 -28.82 -6.55
C TYR A 11 5.83 -29.37 -5.38
N LYS A 12 7.09 -28.95 -5.26
CA LYS A 12 7.90 -29.38 -4.11
C LYS A 12 7.22 -29.02 -2.79
N VAL A 13 6.70 -27.79 -2.68
CA VAL A 13 5.99 -27.40 -1.46
C VAL A 13 4.79 -28.30 -1.22
N LEU A 14 4.09 -28.68 -2.30
CA LEU A 14 2.91 -29.52 -2.12
C LEU A 14 3.28 -30.87 -1.55
N LYS A 15 4.41 -31.44 -2.00
CA LYS A 15 4.82 -32.74 -1.50
C LYS A 15 5.28 -32.68 -0.05
N GLN A 16 5.56 -31.48 0.47
CA GLN A 16 5.87 -31.35 1.89
C GLN A 16 4.60 -31.27 2.74
N VAL A 17 3.62 -30.45 2.32
CA VAL A 17 2.44 -30.26 3.18
C VAL A 17 1.42 -31.38 2.98
N HIS A 18 1.30 -31.91 1.77
CA HIS A 18 0.37 -32.99 1.46
C HIS A 18 1.09 -34.04 0.62
N PRO A 19 2.01 -34.79 1.22
CA PRO A 19 2.86 -35.71 0.44
C PRO A 19 2.07 -36.61 -0.46
N ASP A 20 0.85 -36.95 -0.04
CA ASP A 20 0.03 -37.81 -0.86
C ASP A 20 -1.00 -37.07 -1.68
N THR A 21 -0.79 -35.82 -2.06
CA THR A 21 -1.85 -35.17 -2.83
C THR A 21 -1.30 -34.64 -4.14
N GLY A 22 -2.04 -34.90 -5.22
CA GLY A 22 -1.71 -34.40 -6.53
C GLY A 22 -2.29 -33.02 -6.77
N ILE A 23 -2.04 -32.50 -7.97
CA ILE A 23 -2.62 -31.23 -8.38
C ILE A 23 -2.82 -31.27 -9.88
N SER A 24 -3.98 -30.76 -10.34
CA SER A 24 -4.25 -30.77 -11.76
C SER A 24 -3.50 -29.64 -12.46
N ASN A 25 -3.35 -29.80 -13.78
CA ASN A 25 -2.69 -28.79 -14.61
C ASN A 25 -3.28 -27.41 -14.39
N GLN A 26 -4.62 -27.29 -14.49
CA GLN A 26 -5.24 -25.96 -14.38
C GLN A 26 -5.09 -25.38 -12.98
N ALA A 27 -5.24 -26.21 -11.95
CA ALA A 27 -5.06 -25.70 -10.59
C ALA A 27 -3.63 -25.19 -10.39
N MET A 28 -2.65 -25.87 -10.99
CA MET A 28 -1.27 -25.38 -10.88
C MET A 28 -1.11 -24.03 -11.56
N ARG A 29 -1.72 -23.85 -12.74
CA ARG A 29 -1.60 -22.57 -13.42
C ARG A 29 -2.23 -21.47 -12.58
N ILE A 30 -3.34 -21.77 -11.91
CA ILE A 30 -4.00 -20.78 -11.04
C ILE A 30 -3.09 -20.39 -9.87
N LEU A 31 -2.55 -21.38 -9.13
CA LEU A 31 -1.59 -21.05 -8.07
C LEU A 31 -0.44 -20.24 -8.60
N ASN A 32 0.13 -20.67 -9.72
CA ASN A 32 1.20 -19.92 -10.34
C ASN A 32 0.79 -18.47 -10.59
N SER A 33 -0.46 -18.26 -11.01
CA SER A 33 -0.94 -16.89 -11.23
C SER A 33 -1.00 -16.11 -9.92
N PHE A 34 -1.47 -16.76 -8.85
CA PHE A 34 -1.51 -16.12 -7.53
C PHE A 34 -0.10 -15.73 -7.08
N VAL A 35 0.87 -16.64 -7.21
CA VAL A 35 2.23 -16.34 -6.76
C VAL A 35 2.82 -15.16 -7.55
N ASN A 36 2.64 -15.18 -8.88
CA ASN A 36 3.10 -14.07 -9.70
C ASN A 36 2.44 -12.75 -9.28
N ASP A 37 1.13 -12.77 -9.04
CA ASP A 37 0.44 -11.55 -8.64
CA ASP A 37 0.45 -11.55 -8.65
C ASP A 37 0.97 -11.03 -7.32
N ILE A 38 1.18 -11.90 -6.35
CA ILE A 38 1.61 -11.44 -5.04
C ILE A 38 3.04 -10.92 -5.07
N PHE A 39 3.92 -11.59 -5.81
CA PHE A 39 5.26 -11.06 -6.03
C PHE A 39 5.20 -9.62 -6.55
N GLU A 40 4.41 -9.38 -7.59
CA GLU A 40 4.34 -8.05 -8.17
C GLU A 40 3.89 -7.02 -7.13
N ARG A 41 2.85 -7.35 -6.39
CA ARG A 41 2.31 -6.40 -5.40
C ARG A 41 3.36 -6.05 -4.36
N ILE A 42 4.06 -7.05 -3.83
CA ILE A 42 5.03 -6.80 -2.77
C ILE A 42 6.27 -6.08 -3.31
N ALA A 43 6.74 -6.50 -4.50
CA ALA A 43 7.96 -5.91 -5.05
C ALA A 43 7.75 -4.45 -5.40
N THR A 44 6.61 -4.14 -6.04
CA THR A 44 6.27 -2.76 -6.36
C THR A 44 6.12 -1.93 -5.09
N GLU A 45 5.46 -2.48 -4.08
CA GLU A 45 5.31 -1.77 -2.82
C GLU A 45 6.67 -1.52 -2.17
N ALA A 46 7.55 -2.53 -2.17
CA ALA A 46 8.84 -2.39 -1.54
C ALA A 46 9.74 -1.41 -2.28
N SER A 47 9.65 -1.37 -3.61
CA SER A 47 10.44 -0.39 -4.36
C SER A 47 9.97 1.03 -4.10
N LYS A 48 8.65 1.26 -4.05
CA LYS A 48 8.13 2.59 -3.67
C LYS A 48 8.63 3.02 -2.31
N LEU A 49 8.53 2.13 -1.31
CA LEU A 49 8.98 2.46 0.04
C LEU A 49 10.45 2.88 0.03
N ALA A 50 11.29 2.19 -0.74
CA ALA A 50 12.69 2.55 -0.85
C ALA A 50 12.86 3.94 -1.47
N ALA A 51 12.19 4.18 -2.59
CA ALA A 51 12.30 5.48 -3.25
C ALA A 51 11.80 6.59 -2.34
N TYR A 52 10.62 6.39 -1.72
CA TYR A 52 10.01 7.42 -0.89
C TYR A 52 10.81 7.70 0.38
N ASN A 53 11.68 6.78 0.78
CA ASN A 53 12.55 6.97 1.94
C ASN A 53 13.99 7.25 1.55
N LYS A 54 14.22 7.63 0.29
CA LYS A 54 15.52 7.96 -0.30
C LYS A 54 16.54 6.84 -0.21
N LYS A 55 16.11 5.64 0.18
CA LYS A 55 17.05 4.52 0.25
C LYS A 55 17.56 4.16 -1.15
N SER A 56 18.86 3.90 -1.24
CA SER A 56 19.41 3.43 -2.50
C SER A 56 19.08 1.97 -2.75
N THR A 57 18.93 1.19 -1.67
CA THR A 57 18.82 -0.26 -1.75
C THR A 57 17.46 -0.72 -1.25
N ILE A 58 16.83 -1.63 -1.98
CA ILE A 58 15.71 -2.40 -1.44
C ILE A 58 16.30 -3.42 -0.48
N SER A 59 16.10 -3.23 0.82
CA SER A 59 16.59 -4.14 1.82
C SER A 59 15.44 -5.03 2.30
N SER A 60 15.77 -5.96 3.21
CA SER A 60 14.74 -6.83 3.77
C SER A 60 13.77 -6.05 4.64
N ARG A 61 14.19 -4.91 5.19
CA ARG A 61 13.29 -4.05 5.95
C ARG A 61 12.16 -3.52 5.06
N GLU A 62 12.47 -3.16 3.81
CA GLU A 62 11.42 -2.67 2.93
C GLU A 62 10.49 -3.81 2.50
N ILE A 63 11.04 -5.00 2.24
CA ILE A 63 10.18 -6.14 1.91
C ILE A 63 9.23 -6.41 3.06
N GLN A 64 9.76 -6.41 4.29
CA GLN A 64 8.92 -6.66 5.47
C GLN A 64 7.76 -5.68 5.56
N THR A 65 8.05 -4.38 5.47
CA THR A 65 6.99 -3.38 5.57
C THR A 65 5.99 -3.53 4.44
N ALA A 66 6.48 -3.80 3.22
CA ALA A 66 5.58 -4.04 2.09
C ALA A 66 4.70 -5.27 2.34
N VAL A 67 5.28 -6.32 2.93
CA VAL A 67 4.47 -7.51 3.27
C VAL A 67 3.29 -7.12 4.14
N ARG A 68 3.55 -6.30 5.17
CA ARG A 68 2.47 -5.90 6.07
C ARG A 68 1.51 -4.95 5.38
N LEU A 69 1.98 -4.19 4.39
CA LEU A 69 1.10 -3.32 3.63
C LEU A 69 0.18 -4.11 2.71
N ILE A 70 0.68 -5.21 2.13
CA ILE A 70 -0.04 -5.96 1.11
C ILE A 70 -0.90 -7.08 1.71
N LEU A 71 -0.40 -7.82 2.72
CA LEU A 71 -1.11 -8.99 3.22
C LEU A 71 -1.98 -8.64 4.43
N PRO A 72 -3.16 -9.24 4.55
CA PRO A 72 -3.97 -9.05 5.76
C PRO A 72 -3.32 -9.70 6.97
N GLY A 73 -3.81 -9.31 8.14
CA GLY A 73 -3.17 -9.51 9.42
C GLY A 73 -2.48 -10.82 9.74
N GLU A 74 -3.21 -11.94 9.81
CA GLU A 74 -2.58 -13.21 10.17
C GLU A 74 -1.65 -13.72 9.08
N LEU A 75 -2.03 -13.55 7.81
CA LEU A 75 -1.11 -13.90 6.74
C LEU A 75 0.20 -13.14 6.90
N ALA A 76 0.13 -11.87 7.31
CA ALA A 76 1.32 -11.01 7.37
C ALA A 76 2.28 -11.46 8.48
N LYS A 77 1.75 -11.71 9.68
CA LYS A 77 2.50 -12.24 10.82
C LYS A 77 3.32 -13.47 10.47
N HIS A 78 2.61 -14.47 9.97
CA HIS A 78 3.22 -15.73 9.58
C HIS A 78 4.24 -15.51 8.46
N ALA A 79 3.87 -14.68 7.48
CA ALA A 79 4.83 -14.39 6.41
C ALA A 79 6.06 -13.69 6.98
N VAL A 80 5.89 -12.75 7.92
CA VAL A 80 7.03 -12.08 8.52
C VAL A 80 7.87 -13.06 9.32
N THR A 81 7.22 -13.93 10.09
CA THR A 81 7.94 -15.01 10.78
C THR A 81 8.77 -15.83 9.81
N GLU A 82 8.16 -16.27 8.71
CA GLU A 82 8.92 -17.09 7.76
C GLU A 82 10.02 -16.28 7.07
N GLY A 83 9.76 -15.02 6.73
CA GLY A 83 10.81 -14.20 6.15
C GLY A 83 11.98 -14.00 7.09
N THR A 84 11.69 -13.71 8.36
CA THR A 84 12.74 -13.42 9.34
C THR A 84 13.57 -14.67 9.62
N LYS A 85 12.92 -15.83 9.74
CA LYS A 85 13.63 -17.08 9.95
C LYS A 85 14.55 -17.38 8.77
N SER A 86 14.04 -17.23 7.55
CA SER A 86 14.87 -17.54 6.38
C SER A 86 16.08 -16.64 6.31
N VAL A 87 15.91 -15.34 6.60
CA VAL A 87 17.05 -14.43 6.54
C VAL A 87 18.06 -14.76 7.63
N THR A 88 17.56 -15.09 8.84
CA THR A 88 18.46 -15.47 9.94
C THR A 88 19.25 -16.73 9.59
N LYS A 89 18.58 -17.74 9.03
CA LYS A 89 19.31 -18.92 8.59
C LYS A 89 20.32 -18.56 7.50
N TYR A 90 19.90 -17.76 6.53
CA TYR A 90 20.76 -17.40 5.40
C TYR A 90 22.05 -16.76 5.88
N SER A 91 21.94 -15.79 6.79
CA SER A 91 23.12 -15.04 7.23
C SER A 91 24.04 -15.89 8.09
N SER A 92 23.51 -16.90 8.77
CA SER A 92 24.31 -17.83 9.55
C SER A 92 25.00 -18.87 8.69
N SER A 93 24.62 -18.97 7.42
CA SER A 93 25.12 -19.97 6.49
C SER A 93 26.17 -19.41 5.53
N ALA A 94 26.82 -18.29 5.89
CA ALA A 94 27.66 -17.60 4.92
C ALA A 94 28.87 -18.42 4.48
N GLN A 95 29.32 -19.37 5.29
CA GLN A 95 30.45 -20.21 4.95
C GLN A 95 30.01 -21.51 4.29
N SER A 96 28.72 -21.66 4.02
CA SER A 96 28.19 -22.85 3.35
C SER A 96 28.53 -22.82 1.87
N ALA A 97 28.75 -24.02 1.31
CA ALA A 97 28.96 -24.17 -0.13
C ALA A 97 27.67 -24.34 -0.91
N GLN A 98 26.53 -24.35 -0.23
CA GLN A 98 25.28 -24.74 -0.87
C GLN A 98 24.68 -23.56 -1.64
N SER A 99 23.60 -23.85 -2.38
CA SER A 99 22.86 -22.83 -3.11
C SER A 99 22.28 -21.78 -2.18
N ARG A 100 21.83 -20.66 -2.76
CA ARG A 100 21.23 -19.61 -1.94
C ARG A 100 19.92 -20.08 -1.33
N SER A 101 19.11 -20.84 -2.08
CA SER A 101 17.87 -21.38 -1.52
C SER A 101 18.16 -22.36 -0.40
N ALA A 102 19.17 -23.22 -0.57
CA ALA A 102 19.56 -24.15 0.49
C ALA A 102 20.04 -23.40 1.73
N LYS A 103 20.84 -22.34 1.53
CA LYS A 103 21.31 -21.56 2.67
C LYS A 103 20.14 -20.95 3.44
N ALA A 104 19.06 -20.62 2.74
CA ALA A 104 17.88 -20.08 3.38
C ALA A 104 16.93 -21.15 3.91
N GLY A 105 17.18 -22.43 3.63
CA GLY A 105 16.18 -23.45 3.93
C GLY A 105 14.90 -23.33 3.12
N LEU A 106 14.99 -22.89 1.86
CA LEU A 106 13.80 -22.63 1.05
C LEU A 106 13.78 -23.55 -0.15
N ALA A 107 12.57 -23.85 -0.60
CA ALA A 107 12.40 -24.46 -1.90
C ALA A 107 12.27 -23.45 -3.03
N PHE A 108 11.71 -22.26 -2.77
CA PHE A 108 11.59 -21.26 -3.81
C PHE A 108 12.97 -20.71 -4.21
N PRO A 109 13.13 -20.28 -5.47
CA PRO A 109 14.47 -19.91 -5.99
C PRO A 109 14.85 -18.49 -5.62
N VAL A 110 15.83 -18.38 -4.70
CA VAL A 110 16.25 -17.06 -4.21
C VAL A 110 16.89 -16.24 -5.32
N GLY A 111 17.73 -16.88 -6.13
CA GLY A 111 18.41 -16.16 -7.20
C GLY A 111 17.44 -15.54 -8.20
N ARG A 112 16.44 -16.32 -8.63
CA ARG A 112 15.47 -15.78 -9.57
C ARG A 112 14.69 -14.62 -8.95
N VAL A 113 14.30 -14.74 -7.68
CA VAL A 113 13.62 -13.63 -6.99
C VAL A 113 14.50 -12.38 -6.98
N HIS A 114 15.81 -12.55 -6.74
CA HIS A 114 16.75 -11.43 -6.80
C HIS A 114 16.72 -10.76 -8.18
N ARG A 115 16.77 -11.56 -9.23
CA ARG A 115 16.78 -11.02 -10.59
C ARG A 115 15.49 -10.29 -10.89
N LEU A 116 14.35 -10.87 -10.53
CA LEU A 116 13.09 -10.22 -10.85
C LEU A 116 12.95 -8.91 -10.09
N LEU A 117 13.52 -8.83 -8.90
CA LEU A 117 13.48 -7.61 -8.10
C LEU A 117 14.36 -6.51 -8.69
N ARG A 118 15.34 -6.87 -9.51
CA ARG A 118 16.31 -5.93 -10.07
C ARG A 118 15.83 -5.31 -11.37
N LYS A 119 15.22 -6.11 -12.25
CA LYS A 119 14.83 -5.58 -13.55
C LYS A 119 13.69 -4.59 -13.42
N GLY A 120 12.66 -4.95 -12.65
CA GLY A 120 11.53 -4.07 -12.46
C GLY A 120 11.94 -2.75 -11.82
N GLN A 124 16.35 0.42 -7.11
CA GLN A 124 17.48 0.13 -7.98
C GLN A 124 18.32 -1.07 -7.52
N ARG A 125 19.09 -0.90 -6.45
CA ARG A 125 19.87 -2.00 -5.92
C ARG A 125 19.05 -2.83 -4.94
N VAL A 126 19.49 -4.07 -4.75
CA VAL A 126 18.75 -5.04 -3.96
C VAL A 126 19.73 -5.74 -3.04
N GLY A 127 19.55 -5.57 -1.73
CA GLY A 127 20.40 -6.27 -0.78
C GLY A 127 20.20 -7.77 -0.84
N ALA A 128 21.15 -8.51 -0.30
CA ALA A 128 21.09 -9.96 -0.42
C ALA A 128 20.04 -10.57 0.50
N GLY A 129 19.61 -9.84 1.54
CA GLY A 129 18.54 -10.33 2.38
C GLY A 129 17.17 -10.17 1.77
N ALA A 130 17.00 -9.20 0.87
CA ALA A 130 15.68 -8.92 0.33
C ALA A 130 15.09 -10.07 -0.46
N PRO A 131 15.81 -10.70 -1.42
CA PRO A 131 15.21 -11.84 -2.13
C PRO A 131 15.01 -13.06 -1.24
N VAL A 132 15.85 -13.27 -0.23
CA VAL A 132 15.62 -14.37 0.69
C VAL A 132 14.29 -14.19 1.40
N TYR A 133 14.04 -12.98 1.89
CA TYR A 133 12.81 -12.68 2.62
C TYR A 133 11.59 -12.83 1.72
N LEU A 134 11.67 -12.30 0.49
CA LEU A 134 10.53 -12.37 -0.43
C LEU A 134 10.27 -13.81 -0.88
N ALA A 135 11.30 -14.54 -1.28
CA ALA A 135 11.15 -15.94 -1.62
C ALA A 135 10.45 -16.71 -0.49
N ALA A 136 10.85 -16.45 0.76
CA ALA A 136 10.23 -17.13 1.90
C ALA A 136 8.76 -16.75 2.05
N VAL A 137 8.42 -15.49 1.82
CA VAL A 137 7.02 -15.08 1.91
C VAL A 137 6.19 -15.77 0.83
N LEU A 138 6.70 -15.80 -0.41
CA LEU A 138 5.97 -16.48 -1.49
C LEU A 138 5.85 -17.96 -1.21
N GLU A 139 6.91 -18.57 -0.67
CA GLU A 139 6.85 -19.99 -0.32
C GLU A 139 5.81 -20.23 0.77
N TYR A 140 5.77 -19.36 1.78
CA TYR A 140 4.75 -19.48 2.82
C TYR A 140 3.35 -19.37 2.22
N LEU A 141 3.09 -18.35 1.40
CA LEU A 141 1.75 -18.21 0.83
C LEU A 141 1.38 -19.41 -0.03
N ALA A 142 2.32 -19.93 -0.82
CA ALA A 142 2.05 -21.14 -1.59
C ALA A 142 1.70 -22.30 -0.66
N ALA A 143 2.46 -22.48 0.42
CA ALA A 143 2.19 -23.57 1.37
C ALA A 143 0.84 -23.40 2.06
N GLU A 144 0.52 -22.17 2.45
CA GLU A 144 -0.78 -21.87 3.07
C GLU A 144 -1.94 -22.26 2.15
N ILE A 145 -1.90 -21.81 0.90
CA ILE A 145 -2.97 -22.14 -0.04
C ILE A 145 -3.01 -23.64 -0.30
N LEU A 146 -1.83 -24.27 -0.43
CA LEU A 146 -1.78 -25.71 -0.71
C LEU A 146 -2.30 -26.54 0.45
N GLU A 147 -2.00 -26.11 1.67
CA GLU A 147 -2.52 -26.82 2.84
C GLU A 147 -4.05 -26.79 2.83
N LEU A 148 -4.64 -25.60 2.66
CA LEU A 148 -6.09 -25.50 2.70
C LEU A 148 -6.73 -26.18 1.50
N ALA A 149 -6.17 -25.99 0.30
CA ALA A 149 -6.73 -26.64 -0.88
C ALA A 149 -6.68 -28.15 -0.77
N GLY A 150 -5.57 -28.70 -0.24
CA GLY A 150 -5.48 -30.14 -0.06
C GLY A 150 -6.41 -30.67 1.02
N ASN A 151 -6.65 -29.89 2.07
CA ASN A 151 -7.67 -30.27 3.04
C ASN A 151 -9.03 -30.34 2.39
N ALA A 152 -9.35 -29.36 1.52
CA ALA A 152 -10.62 -29.37 0.80
C ALA A 152 -10.73 -30.59 -0.10
N ALA A 153 -9.65 -30.96 -0.79
CA ALA A 153 -9.69 -32.13 -1.66
C ALA A 153 -9.94 -33.40 -0.84
N ARG A 154 -9.19 -33.57 0.26
CA ARG A 154 -9.32 -34.76 1.08
C ARG A 154 -10.71 -34.87 1.71
N ASP A 155 -11.27 -33.75 2.18
CA ASP A 155 -12.63 -33.74 2.70
C ASP A 155 -13.65 -34.08 1.62
N ASN A 156 -13.38 -33.68 0.38
CA ASN A 156 -14.19 -34.00 -0.79
C ASN A 156 -13.93 -35.42 -1.28
N LYS A 157 -13.01 -36.15 -0.64
CA LYS A 157 -12.72 -37.54 -0.98
C LYS A 157 -11.90 -37.67 -2.26
N LYS A 158 -11.08 -36.66 -2.55
CA LYS A 158 -10.24 -36.64 -3.73
C LYS A 158 -8.76 -36.59 -3.33
N THR A 159 -7.95 -37.21 -4.16
CA THR A 159 -6.51 -37.24 -3.97
C THR A 159 -5.79 -36.27 -4.88
N ARG A 160 -6.52 -35.43 -5.62
CA ARG A 160 -5.89 -34.44 -6.47
C ARG A 160 -6.60 -33.09 -6.30
N ILE A 161 -5.82 -32.03 -6.12
CA ILE A 161 -6.37 -30.67 -6.03
C ILE A 161 -6.80 -30.21 -7.42
N ILE A 162 -8.07 -29.83 -7.56
CA ILE A 162 -8.61 -29.27 -8.81
C ILE A 162 -9.02 -27.82 -8.57
N PRO A 163 -9.33 -27.05 -9.63
CA PRO A 163 -9.62 -25.61 -9.39
C PRO A 163 -10.74 -25.36 -8.39
N ARG A 164 -11.74 -26.24 -8.32
CA ARG A 164 -12.80 -26.03 -7.33
C ARG A 164 -12.24 -26.08 -5.90
N HIS A 165 -11.28 -26.97 -5.64
CA HIS A 165 -10.69 -27.00 -4.31
C HIS A 165 -9.97 -25.71 -3.98
N LEU A 166 -9.25 -25.14 -4.96
CA LEU A 166 -8.67 -23.81 -4.79
C LEU A 166 -9.73 -22.78 -4.48
N GLN A 167 -10.79 -22.73 -5.30
CA GLN A 167 -11.84 -21.74 -5.05
C GLN A 167 -12.42 -21.87 -3.65
N LEU A 168 -12.72 -23.10 -3.20
CA LEU A 168 -13.20 -23.29 -1.82
C LEU A 168 -12.19 -22.80 -0.79
N ALA A 169 -10.92 -23.18 -0.95
CA ALA A 169 -9.92 -22.76 0.02
C ALA A 169 -9.86 -21.24 0.11
N ILE A 170 -9.84 -20.55 -1.04
CA ILE A 170 -9.78 -19.09 -1.04
C ILE A 170 -11.02 -18.51 -0.38
N ARG A 171 -12.20 -19.01 -0.75
CA ARG A 171 -13.44 -18.36 -0.31
C ARG A 171 -13.69 -18.57 1.18
N ASN A 172 -13.37 -19.74 1.70
CA ASN A 172 -13.70 -20.05 3.09
C ASN A 172 -12.70 -19.48 4.09
N ASP A 173 -11.63 -18.88 3.62
CA ASP A 173 -10.63 -18.26 4.46
C ASP A 173 -10.74 -16.75 4.25
N GLU A 174 -11.14 -16.02 5.31
CA GLU A 174 -11.44 -14.60 5.16
C GLU A 174 -10.25 -13.83 4.62
N GLU A 175 -9.05 -14.16 5.10
CA GLU A 175 -7.88 -13.41 4.69
C GLU A 175 -7.47 -13.72 3.25
N LEU A 176 -7.44 -14.99 2.86
CA LEU A 176 -7.11 -15.31 1.47
C LEU A 176 -8.16 -14.78 0.52
N ASN A 177 -9.43 -14.84 0.91
CA ASN A 177 -10.48 -14.26 0.09
C ASN A 177 -10.28 -12.77 -0.09
N LYS A 178 -9.87 -12.07 0.97
CA LYS A 178 -9.53 -10.65 0.84
C LYS A 178 -8.34 -10.44 -0.08
N LEU A 179 -7.30 -11.28 0.05
CA LEU A 179 -6.09 -11.09 -0.74
C LEU A 179 -6.30 -11.47 -2.19
N LEU A 180 -6.99 -12.58 -2.45
CA LEU A 180 -7.03 -13.18 -3.77
C LEU A 180 -8.43 -13.39 -4.34
N GLY A 181 -9.49 -13.13 -3.57
CA GLY A 181 -10.82 -13.20 -4.12
C GLY A 181 -11.12 -12.04 -5.05
N HIS A 182 -12.14 -12.24 -5.89
CA HIS A 182 -12.63 -11.23 -6.84
C HIS A 182 -11.65 -11.05 -7.99
N LYS B 3 -16.70 12.70 9.52
CA LYS B 3 -17.69 13.60 8.93
C LYS B 3 -17.43 15.05 9.34
N GLU B 4 -16.15 15.38 9.51
CA GLU B 4 -15.75 16.73 9.91
C GLU B 4 -16.14 17.74 8.83
N THR B 5 -16.38 18.98 9.26
CA THR B 5 -16.75 20.07 8.36
C THR B 5 -15.56 21.01 8.19
N TYR B 6 -15.08 21.15 6.95
CA TYR B 6 -14.01 22.10 6.63
C TYR B 6 -14.48 23.30 5.82
N SER B 7 -15.80 23.54 5.78
CA SER B 7 -16.35 24.47 4.79
C SER B 7 -15.76 25.87 4.91
N SER B 8 -15.61 26.37 6.13
CA SER B 8 -15.11 27.74 6.28
C SER B 8 -13.66 27.87 5.80
N TYR B 9 -12.86 26.81 5.94
CA TYR B 9 -11.48 26.85 5.46
C TYR B 9 -11.43 26.70 3.96
N ILE B 10 -12.27 25.81 3.41
CA ILE B 10 -12.39 25.67 1.95
C ILE B 10 -12.73 27.01 1.31
N TYR B 11 -13.69 27.73 1.90
CA TYR B 11 -14.07 29.03 1.37
C TYR B 11 -12.92 30.02 1.43
N LYS B 12 -12.17 30.04 2.54
CA LYS B 12 -10.97 30.87 2.59
C LYS B 12 -10.00 30.53 1.45
N VAL B 13 -9.81 29.24 1.16
CA VAL B 13 -8.93 28.86 0.07
C VAL B 13 -9.50 29.30 -1.27
N LEU B 14 -10.83 29.15 -1.46
CA LEU B 14 -11.42 29.57 -2.72
C LEU B 14 -11.19 31.05 -2.98
N LYS B 15 -11.29 31.87 -1.92
CA LYS B 15 -11.09 33.31 -2.09
C LYS B 15 -9.66 33.63 -2.52
N GLN B 16 -8.68 32.85 -2.07
CA GLN B 16 -7.31 33.10 -2.51
C GLN B 16 -7.12 32.75 -3.98
N VAL B 17 -7.76 31.67 -4.43
CA VAL B 17 -7.54 31.12 -5.76
C VAL B 17 -8.48 31.72 -6.81
N HIS B 18 -9.73 31.98 -6.46
CA HIS B 18 -10.69 32.57 -7.39
C HIS B 18 -11.50 33.62 -6.64
N PRO B 19 -10.98 34.84 -6.53
CA PRO B 19 -11.60 35.83 -5.62
C PRO B 19 -13.06 36.13 -5.92
N ASP B 20 -13.45 36.18 -7.19
CA ASP B 20 -14.79 36.63 -7.56
C ASP B 20 -15.78 35.49 -7.70
N THR B 21 -15.41 34.29 -7.27
CA THR B 21 -16.16 33.08 -7.59
C THR B 21 -16.73 32.46 -6.32
N GLY B 22 -18.04 32.20 -6.35
CA GLY B 22 -18.72 31.54 -5.26
C GLY B 22 -18.70 30.02 -5.41
N ILE B 23 -19.42 29.36 -4.52
CA ILE B 23 -19.52 27.92 -4.54
C ILE B 23 -20.87 27.53 -3.96
N SER B 24 -21.55 26.59 -4.61
CA SER B 24 -22.89 26.22 -4.20
C SER B 24 -22.84 25.31 -2.97
N ASN B 25 -23.99 25.22 -2.28
CA ASN B 25 -24.04 24.42 -1.07
C ASN B 25 -23.73 22.96 -1.36
N GLN B 26 -24.33 22.41 -2.42
CA GLN B 26 -24.04 21.02 -2.76
C GLN B 26 -22.57 20.84 -3.13
N ALA B 27 -22.01 21.77 -3.90
CA ALA B 27 -20.61 21.68 -4.30
C ALA B 27 -19.68 21.73 -3.10
N MET B 28 -20.01 22.57 -2.11
CA MET B 28 -19.21 22.59 -0.90
C MET B 28 -19.31 21.26 -0.16
N ARG B 29 -20.49 20.63 -0.19
CA ARG B 29 -20.63 19.36 0.52
C ARG B 29 -19.85 18.26 -0.16
N ILE B 30 -19.73 18.31 -1.48
CA ILE B 30 -18.94 17.30 -2.18
C ILE B 30 -17.45 17.46 -1.86
N LEU B 31 -16.93 18.69 -1.88
CA LEU B 31 -15.53 18.90 -1.54
C LEU B 31 -15.24 18.48 -0.11
N ASN B 32 -16.09 18.86 0.82
CA ASN B 32 -15.88 18.45 2.20
C ASN B 32 -15.77 16.93 2.28
N SER B 33 -16.62 16.21 1.56
CA SER B 33 -16.51 14.76 1.58
C SER B 33 -15.22 14.28 0.91
N PHE B 34 -14.67 15.05 -0.05
CA PHE B 34 -13.34 14.71 -0.58
C PHE B 34 -12.26 14.90 0.47
N VAL B 35 -12.28 16.04 1.16
CA VAL B 35 -11.25 16.33 2.16
C VAL B 35 -11.28 15.26 3.25
N ASN B 36 -12.50 14.93 3.72
CA ASN B 36 -12.63 13.89 4.74
C ASN B 36 -12.07 12.56 4.25
N ASP B 37 -12.43 12.16 3.04
CA ASP B 37 -11.97 10.89 2.49
C ASP B 37 -10.44 10.83 2.42
N ILE B 38 -9.80 11.91 1.97
CA ILE B 38 -8.35 11.91 1.78
C ILE B 38 -7.63 11.92 3.13
N PHE B 39 -8.13 12.71 4.10
CA PHE B 39 -7.56 12.67 5.47
C PHE B 39 -7.51 11.25 6.02
N GLU B 40 -8.62 10.56 5.97
CA GLU B 40 -8.71 9.18 6.42
C GLU B 40 -7.78 8.22 5.69
N ARG B 41 -7.68 8.33 4.37
CA ARG B 41 -6.76 7.42 3.69
C ARG B 41 -5.32 7.71 4.06
N ILE B 42 -4.95 8.99 4.22
CA ILE B 42 -3.57 9.30 4.58
C ILE B 42 -3.30 8.97 6.05
N ALA B 43 -4.24 9.31 6.92
CA ALA B 43 -4.05 9.00 8.34
C ALA B 43 -3.98 7.48 8.57
N THR B 44 -4.80 6.71 7.86
CA THR B 44 -4.71 5.25 7.99
C THR B 44 -3.37 4.71 7.50
N GLU B 45 -2.90 5.21 6.34
CA GLU B 45 -1.62 4.78 5.81
C GLU B 45 -0.49 5.11 6.79
N ALA B 46 -0.50 6.34 7.32
CA ALA B 46 0.56 6.79 8.21
C ALA B 46 0.60 5.98 9.50
N SER B 47 -0.57 5.63 10.04
CA SER B 47 -0.60 4.88 11.28
C SER B 47 -0.22 3.41 11.06
N LYS B 48 -0.58 2.84 9.92
CA LYS B 48 -0.04 1.55 9.53
C LYS B 48 1.48 1.59 9.47
N LEU B 49 2.02 2.65 8.85
CA LEU B 49 3.46 2.74 8.65
C LEU B 49 4.20 2.77 9.98
N ALA B 50 3.69 3.56 10.93
CA ALA B 50 4.29 3.61 12.26
C ALA B 50 4.22 2.25 12.96
N ALA B 51 3.02 1.66 13.02
CA ALA B 51 2.85 0.37 13.66
C ALA B 51 3.72 -0.71 12.99
N TYR B 52 3.74 -0.75 11.65
CA TYR B 52 4.55 -1.74 10.95
C TYR B 52 6.04 -1.56 11.24
N ASN B 53 6.45 -0.39 11.71
CA ASN B 53 7.83 -0.15 12.11
C ASN B 53 7.99 -0.14 13.64
N LYS B 54 7.08 -0.76 14.38
CA LYS B 54 7.13 -0.77 15.85
C LYS B 54 7.19 0.64 16.42
N LYS B 55 6.45 1.57 15.83
CA LYS B 55 6.44 2.93 16.37
C LYS B 55 5.06 3.26 16.94
N SER B 56 5.07 3.87 18.12
CA SER B 56 3.87 4.35 18.78
C SER B 56 3.49 5.78 18.40
N THR B 57 4.31 6.46 17.59
CA THR B 57 4.08 7.86 17.26
C THR B 57 4.05 8.06 15.75
N ILE B 58 3.01 8.74 15.28
CA ILE B 58 2.94 9.20 13.89
C ILE B 58 3.69 10.53 13.79
N SER B 59 4.76 10.53 12.98
CA SER B 59 5.56 11.72 12.74
C SER B 59 5.32 12.24 11.32
N SER B 60 5.92 13.39 11.02
CA SER B 60 5.78 13.96 9.68
C SER B 60 6.43 13.05 8.64
N ARG B 61 7.43 12.27 9.05
CA ARG B 61 8.01 11.28 8.16
C ARG B 61 6.97 10.26 7.71
N GLU B 62 6.12 9.80 8.65
CA GLU B 62 5.10 8.81 8.30
C GLU B 62 4.00 9.44 7.45
N ILE B 63 3.65 10.70 7.73
CA ILE B 63 2.69 11.42 6.89
C ILE B 63 3.22 11.52 5.47
N GLN B 64 4.49 11.93 5.34
CA GLN B 64 5.09 12.13 4.02
C GLN B 64 5.08 10.84 3.20
N THR B 65 5.60 9.75 3.77
CA THR B 65 5.56 8.48 3.06
C THR B 65 4.14 8.08 2.72
N ALA B 66 3.21 8.23 3.67
CA ALA B 66 1.81 7.91 3.40
C ALA B 66 1.28 8.75 2.25
N VAL B 67 1.62 10.05 2.22
CA VAL B 67 1.18 10.91 1.13
C VAL B 67 1.68 10.41 -0.22
N ARG B 68 2.92 9.93 -0.26
CA ARG B 68 3.43 9.42 -1.53
C ARG B 68 2.82 8.07 -1.88
N LEU B 69 2.40 7.28 -0.89
CA LEU B 69 1.76 6.02 -1.23
C LEU B 69 0.32 6.20 -1.70
N ILE B 70 -0.36 7.24 -1.22
CA ILE B 70 -1.79 7.40 -1.44
C ILE B 70 -2.08 8.24 -2.68
N LEU B 71 -1.32 9.30 -2.89
CA LEU B 71 -1.52 10.28 -3.96
C LEU B 71 -0.76 9.86 -5.22
N PRO B 72 -1.36 10.04 -6.40
CA PRO B 72 -0.62 9.80 -7.64
C PRO B 72 0.42 10.87 -7.92
N GLY B 73 1.54 10.43 -8.49
CA GLY B 73 2.45 11.26 -9.26
C GLY B 73 2.70 12.70 -8.84
N GLU B 74 2.36 13.62 -9.75
CA GLU B 74 2.65 15.04 -9.53
C GLU B 74 1.91 15.60 -8.32
N LEU B 75 0.70 15.11 -8.05
CA LEU B 75 -0.04 15.56 -6.87
C LEU B 75 0.72 15.26 -5.59
N ALA B 76 1.30 14.07 -5.49
CA ALA B 76 2.06 13.69 -4.30
C ALA B 76 3.29 14.57 -4.14
N LYS B 77 4.03 14.78 -5.24
CA LYS B 77 5.25 15.58 -5.17
C LYS B 77 4.93 17.02 -4.80
N HIS B 78 3.85 17.58 -5.36
CA HIS B 78 3.48 18.92 -4.95
C HIS B 78 2.97 18.96 -3.52
N ALA B 79 2.31 17.89 -3.06
CA ALA B 79 1.82 17.86 -1.68
C ALA B 79 2.98 17.78 -0.70
N VAL B 80 4.00 16.98 -1.01
CA VAL B 80 5.20 16.91 -0.18
C VAL B 80 5.87 18.27 -0.11
N THR B 81 5.97 18.97 -1.26
CA THR B 81 6.57 20.31 -1.26
C THR B 81 5.83 21.26 -0.31
N GLU B 82 4.49 21.24 -0.35
CA GLU B 82 3.71 22.12 0.51
C GLU B 82 3.78 21.70 1.97
N GLY B 83 3.72 20.41 2.25
CA GLY B 83 3.84 19.99 3.63
C GLY B 83 5.20 20.34 4.23
N THR B 84 6.22 20.15 3.45
CA THR B 84 7.51 20.56 3.84
C THR B 84 7.71 22.06 4.15
N LYS B 85 7.33 22.96 3.27
CA LYS B 85 7.39 24.40 3.49
C LYS B 85 6.61 24.78 4.74
N SER B 86 5.41 24.06 4.88
CA SER B 86 4.60 24.44 6.01
C SER B 86 5.22 24.03 7.34
N VAL B 87 5.74 22.80 7.43
CA VAL B 87 6.43 22.39 8.65
C VAL B 87 7.64 23.29 8.90
N THR B 88 8.41 23.55 7.84
CA THR B 88 9.57 24.44 7.95
C THR B 88 9.16 25.82 8.44
N LYS B 89 8.08 26.36 7.89
CA LYS B 89 7.63 27.67 8.31
C LYS B 89 7.20 27.63 9.76
N TYR B 90 6.47 26.58 10.14
CA TYR B 90 5.97 26.44 11.51
C TYR B 90 7.12 26.29 12.51
N SER B 91 8.11 25.46 12.19
CA SER B 91 9.29 25.32 13.02
C SER B 91 10.10 26.62 13.11
N SER B 92 10.01 27.48 12.09
CA SER B 92 10.81 28.70 12.06
C SER B 92 10.20 29.82 12.90
N SER B 93 8.93 29.72 13.25
CA SER B 93 8.22 30.84 13.83
C SER B 93 8.69 31.13 15.25
N ALA B 94 8.62 32.41 15.64
CA ALA B 94 8.91 32.80 17.00
C ALA B 94 7.75 32.44 17.92
N GLN B 95 8.02 32.47 19.23
CA GLN B 95 6.96 32.21 20.20
C GLN B 95 5.99 33.38 20.20
N SER B 96 4.94 33.29 19.39
CA SER B 96 4.08 34.43 19.12
C SER B 96 2.68 34.28 19.69
N ALA B 97 2.32 33.12 20.22
CA ALA B 97 0.96 32.80 20.67
C ALA B 97 -0.04 32.84 19.52
N GLN B 98 0.45 33.08 18.30
CA GLN B 98 -0.38 32.88 17.13
C GLN B 98 -0.82 31.43 17.08
N SER B 99 -1.97 31.18 16.45
CA SER B 99 -2.43 29.82 16.31
C SER B 99 -1.42 29.02 15.49
N ARG B 100 -1.49 27.69 15.66
CA ARG B 100 -0.60 26.82 14.89
C ARG B 100 -0.82 26.97 13.39
N SER B 101 -2.05 27.22 12.96
CA SER B 101 -2.29 27.44 11.53
C SER B 101 -1.62 28.72 11.05
N ALA B 102 -1.67 29.79 11.86
CA ALA B 102 -1.01 31.04 11.50
C ALA B 102 0.51 30.88 11.46
N LYS B 103 1.07 30.19 12.45
CA LYS B 103 2.52 29.96 12.41
C LYS B 103 2.92 29.15 11.19
N ALA B 104 2.06 28.25 10.73
CA ALA B 104 2.36 27.45 9.55
C ALA B 104 2.01 28.17 8.25
N GLY B 105 1.42 29.36 8.31
CA GLY B 105 0.96 30.00 7.09
C GLY B 105 -0.15 29.24 6.40
N LEU B 106 -1.06 28.64 7.16
CA LEU B 106 -2.10 27.81 6.59
C LEU B 106 -3.47 28.35 6.95
N ALA B 107 -4.41 28.18 6.01
CA ALA B 107 -5.82 28.40 6.27
C ALA B 107 -6.48 27.18 6.93
N PHE B 108 -6.08 25.95 6.56
CA PHE B 108 -6.67 24.77 7.19
C PHE B 108 -6.25 24.68 8.66
N PRO B 109 -7.11 24.10 9.53
CA PRO B 109 -6.90 24.18 10.98
C PRO B 109 -5.96 23.10 11.50
N VAL B 110 -4.77 23.52 11.94
CA VAL B 110 -3.77 22.54 12.41
C VAL B 110 -4.25 21.84 13.66
N GLY B 111 -4.72 22.59 14.65
CA GLY B 111 -5.13 21.99 15.90
C GLY B 111 -6.23 20.96 15.71
N ARG B 112 -7.19 21.26 14.85
CA ARG B 112 -8.26 20.28 14.65
C ARG B 112 -7.74 19.03 13.95
N VAL B 113 -6.78 19.17 13.02
CA VAL B 113 -6.19 18.00 12.38
C VAL B 113 -5.42 17.16 13.41
N HIS B 114 -4.74 17.81 14.35
CA HIS B 114 -4.11 17.08 15.44
C HIS B 114 -5.17 16.35 16.28
N ARG B 115 -6.27 17.06 16.59
CA ARG B 115 -7.36 16.46 17.35
C ARG B 115 -7.88 15.20 16.68
N LEU B 116 -8.13 15.28 15.37
CA LEU B 116 -8.71 14.15 14.64
C LEU B 116 -7.75 12.99 14.52
N LEU B 117 -6.46 13.26 14.41
CA LEU B 117 -5.50 12.16 14.36
C LEU B 117 -5.50 11.36 15.66
N ARG B 118 -5.99 11.94 16.75
CA ARG B 118 -5.97 11.32 18.07
C ARG B 118 -7.30 10.68 18.44
N LYS B 119 -8.43 11.26 18.03
CA LYS B 119 -9.71 10.60 18.21
C LYS B 119 -9.76 9.24 17.53
N GLY B 120 -9.29 9.18 16.28
CA GLY B 120 -9.39 7.98 15.48
C GLY B 120 -8.46 6.88 15.92
N ASN B 121 -7.79 7.07 17.06
CA ASN B 121 -6.83 6.12 17.63
C ASN B 121 -5.85 5.60 16.58
N TYR B 122 -5.59 6.43 15.56
CA TYR B 122 -4.65 6.09 14.50
C TYR B 122 -3.29 5.69 15.09
N ALA B 123 -2.79 6.50 16.02
CA ALA B 123 -1.67 6.10 16.85
C ALA B 123 -1.96 6.50 18.28
N GLN B 124 -1.10 6.04 19.18
CA GLN B 124 -1.20 6.47 20.57
C GLN B 124 -0.67 7.89 20.77
N ARG B 125 0.20 8.36 19.87
CA ARG B 125 0.85 9.66 20.02
C ARG B 125 1.05 10.28 18.64
N VAL B 126 1.19 11.61 18.61
CA VAL B 126 1.36 12.37 17.37
C VAL B 126 2.43 13.43 17.58
N GLY B 127 3.45 13.43 16.74
CA GLY B 127 4.44 14.50 16.76
C GLY B 127 3.89 15.81 16.21
N ALA B 128 4.53 16.92 16.61
CA ALA B 128 3.94 18.24 16.40
C ALA B 128 3.93 18.67 14.93
N GLY B 129 4.95 18.26 14.16
CA GLY B 129 4.94 18.58 12.74
C GLY B 129 3.89 17.79 11.96
N ALA B 130 3.50 16.63 12.47
CA ALA B 130 2.64 15.73 11.68
C ALA B 130 1.31 16.37 11.29
N PRO B 131 0.53 17.00 12.18
CA PRO B 131 -0.72 17.62 11.72
C PRO B 131 -0.51 18.88 10.89
N VAL B 132 0.59 19.62 11.10
CA VAL B 132 0.93 20.72 10.21
C VAL B 132 1.09 20.20 8.78
N TYR B 133 1.85 19.14 8.60
CA TYR B 133 2.12 18.56 7.29
C TYR B 133 0.83 18.03 6.64
N LEU B 134 0.07 17.28 7.38
CA LEU B 134 -1.19 16.78 6.91
C LEU B 134 -2.19 17.88 6.55
N ALA B 135 -2.37 18.83 7.44
CA ALA B 135 -3.25 19.95 7.15
C ALA B 135 -2.79 20.70 5.89
N ALA B 136 -1.47 20.87 5.73
CA ALA B 136 -0.95 21.50 4.52
C ALA B 136 -1.30 20.68 3.28
N VAL B 137 -1.18 19.35 3.37
CA VAL B 137 -1.51 18.50 2.23
C VAL B 137 -2.99 18.62 1.87
N LEU B 138 -3.87 18.65 2.88
CA LEU B 138 -5.31 18.78 2.59
C LEU B 138 -5.62 20.14 1.98
N GLU B 139 -4.98 21.20 2.48
CA GLU B 139 -5.21 22.52 1.92
C GLU B 139 -4.74 22.58 0.47
N TYR B 140 -3.60 21.95 0.18
CA TYR B 140 -3.08 21.95 -1.19
C TYR B 140 -4.08 21.29 -2.14
N LEU B 141 -4.65 20.17 -1.71
CA LEU B 141 -5.57 19.42 -2.57
C LEU B 141 -6.89 20.17 -2.74
N ALA B 142 -7.42 20.74 -1.66
CA ALA B 142 -8.59 21.61 -1.79
C ALA B 142 -8.31 22.75 -2.75
N ALA B 143 -7.12 23.37 -2.65
CA ALA B 143 -6.74 24.46 -3.53
C ALA B 143 -6.67 24.01 -4.98
N GLU B 144 -6.08 22.84 -5.21
CA GLU B 144 -5.97 22.30 -6.57
C GLU B 144 -7.34 22.07 -7.19
N ILE B 145 -8.25 21.45 -6.44
CA ILE B 145 -9.58 21.17 -6.96
C ILE B 145 -10.35 22.47 -7.20
N LEU B 146 -10.30 23.40 -6.22
CA LEU B 146 -11.00 24.67 -6.37
C LEU B 146 -10.48 25.48 -7.55
N GLU B 147 -9.18 25.41 -7.76
CA GLU B 147 -8.61 26.13 -8.89
C GLU B 147 -9.09 25.61 -10.23
N LEU B 148 -9.14 24.28 -10.39
CA LEU B 148 -9.61 23.69 -11.64
C LEU B 148 -11.12 23.85 -11.79
N ALA B 149 -11.88 23.65 -10.70
CA ALA B 149 -13.33 23.81 -10.76
C ALA B 149 -13.71 25.26 -11.03
N GLY B 150 -13.03 26.21 -10.39
CA GLY B 150 -13.27 27.61 -10.70
C GLY B 150 -12.94 27.98 -12.13
N ASN B 151 -11.91 27.33 -12.70
CA ASN B 151 -11.60 27.57 -14.10
C ASN B 151 -12.72 27.06 -15.00
N ALA B 152 -13.28 25.89 -14.66
CA ALA B 152 -14.43 25.34 -15.39
C ALA B 152 -15.66 26.23 -15.27
N ALA B 153 -16.00 26.64 -14.05
CA ALA B 153 -17.03 27.65 -13.90
C ALA B 153 -16.78 28.80 -14.84
N ARG B 154 -15.58 29.35 -14.88
CA ARG B 154 -15.29 30.48 -15.75
C ARG B 154 -15.43 30.12 -17.25
N ASP B 155 -14.98 28.91 -17.63
CA ASP B 155 -15.09 28.53 -19.03
C ASP B 155 -16.54 28.39 -19.45
N ASN B 156 -17.41 28.06 -18.49
CA ASN B 156 -18.83 27.96 -18.74
C ASN B 156 -19.54 29.22 -18.33
N LYS B 157 -18.86 30.37 -18.35
CA LYS B 157 -19.34 31.66 -17.85
C LYS B 157 -20.21 31.62 -16.63
N LYS B 158 -19.78 30.88 -15.66
CA LYS B 158 -20.49 30.90 -14.40
C LYS B 158 -19.68 31.69 -13.37
N THR B 159 -20.39 32.30 -12.41
CA THR B 159 -19.79 33.02 -11.31
C THR B 159 -19.72 32.18 -10.04
N ARG B 160 -20.10 30.91 -10.13
CA ARG B 160 -20.29 30.06 -8.97
C ARG B 160 -19.94 28.63 -9.34
N ILE B 161 -19.15 27.95 -8.50
CA ILE B 161 -18.83 26.55 -8.72
C ILE B 161 -20.03 25.69 -8.31
N ILE B 162 -20.41 24.76 -9.18
CA ILE B 162 -21.52 23.82 -8.96
C ILE B 162 -20.93 22.42 -9.09
N PRO B 163 -21.66 21.35 -8.72
CA PRO B 163 -21.06 20.00 -8.81
C PRO B 163 -20.54 19.63 -10.17
N ARG B 164 -21.28 19.97 -11.23
CA ARG B 164 -20.83 19.75 -12.59
C ARG B 164 -19.41 20.29 -12.81
N HIS B 165 -19.11 21.48 -12.24
CA HIS B 165 -17.76 22.01 -12.38
C HIS B 165 -16.75 21.15 -11.62
N LEU B 166 -17.13 20.68 -10.44
CA LEU B 166 -16.29 19.74 -9.71
C LEU B 166 -16.06 18.48 -10.52
N GLN B 167 -17.10 18.01 -11.22
CA GLN B 167 -16.96 16.76 -11.94
C GLN B 167 -16.12 16.91 -13.20
N LEU B 168 -16.25 18.04 -13.89
CA LEU B 168 -15.37 18.32 -15.01
C LEU B 168 -13.92 18.40 -14.56
N ALA B 169 -13.67 19.04 -13.42
CA ALA B 169 -12.30 19.19 -12.94
C ALA B 169 -11.69 17.84 -12.59
N ILE B 170 -12.39 17.04 -11.79
CA ILE B 170 -11.87 15.73 -11.41
C ILE B 170 -11.65 14.87 -12.65
N ARG B 171 -12.67 14.80 -13.52
CA ARG B 171 -12.62 13.87 -14.65
C ARG B 171 -11.49 14.24 -15.61
N ASN B 172 -11.31 15.52 -15.89
CA ASN B 172 -10.34 15.92 -16.91
C ASN B 172 -8.91 16.02 -16.37
N ASP B 173 -8.69 15.79 -15.08
CA ASP B 173 -7.36 15.74 -14.50
C ASP B 173 -7.05 14.29 -14.13
N GLU B 174 -6.12 13.68 -14.86
CA GLU B 174 -5.82 12.26 -14.66
C GLU B 174 -5.58 11.94 -13.18
N GLU B 175 -4.76 12.75 -12.52
CA GLU B 175 -4.37 12.42 -11.16
C GLU B 175 -5.54 12.55 -10.19
N LEU B 176 -6.33 13.61 -10.34
CA LEU B 176 -7.50 13.78 -9.49
C LEU B 176 -8.54 12.69 -9.76
N ASN B 177 -8.72 12.32 -11.03
CA ASN B 177 -9.63 11.23 -11.35
C ASN B 177 -9.18 9.94 -10.68
N LYS B 178 -7.88 9.64 -10.76
CA LYS B 178 -7.35 8.45 -10.10
C LYS B 178 -7.60 8.50 -8.59
N LEU B 179 -7.29 9.64 -7.96
CA LEU B 179 -7.39 9.76 -6.51
C LEU B 179 -8.84 9.68 -6.05
N LEU B 180 -9.76 10.34 -6.75
CA LEU B 180 -11.09 10.60 -6.24
C LEU B 180 -12.24 10.07 -7.09
N GLY B 181 -12.03 9.85 -8.38
CA GLY B 181 -13.13 9.48 -9.27
C GLY B 181 -13.55 8.02 -9.17
N ASP C 3 -1.68 -31.78 -21.54
CA ASP C 3 -1.86 -30.41 -21.06
C ASP C 3 -3.30 -30.13 -20.66
N GLY C 4 -4.11 -31.18 -20.60
CA GLY C 4 -5.52 -31.01 -20.30
C GLY C 4 -5.74 -30.43 -18.92
N ASP C 5 -6.81 -29.63 -18.80
CA ASP C 5 -7.11 -28.91 -17.56
C ASP C 5 -7.13 -29.82 -16.35
N ASP C 6 -7.88 -30.93 -16.44
CA ASP C 6 -8.08 -31.84 -15.33
C ASP C 6 -6.94 -32.85 -15.18
N GLU C 7 -6.08 -32.97 -16.17
CA GLU C 7 -4.98 -33.92 -16.10
C GLU C 7 -4.04 -33.59 -14.93
N GLU C 8 -3.49 -34.62 -14.33
CA GLU C 8 -2.53 -34.42 -13.25
C GLU C 8 -1.29 -33.69 -13.77
N PHE C 9 -0.84 -32.69 -13.02
CA PHE C 9 0.41 -32.01 -13.31
C PHE C 9 1.59 -32.97 -13.13
N VAL C 10 2.52 -32.96 -14.08
CA VAL C 10 3.74 -33.75 -14.00
C VAL C 10 4.91 -32.76 -13.89
N ASN C 11 5.70 -32.88 -12.82
CA ASN C 11 6.85 -32.01 -12.62
C ASN C 11 7.91 -32.33 -13.67
N GLU C 12 8.11 -31.42 -14.51
CA GLU C 12 9.06 -31.57 -15.61
C GLU C 12 10.48 -31.28 -15.19
N GLU C 13 10.73 -30.86 -13.97
CA GLU C 13 12.07 -30.76 -13.41
C GLU C 13 12.33 -31.76 -12.31
N TYR C 14 13.58 -31.95 -11.86
CA TYR C 14 13.90 -33.05 -10.96
C TYR C 14 14.56 -32.57 -9.67
#